data_3AM3
#
_entry.id   3AM3
#
_cell.length_a   131.012
_cell.length_b   131.012
_cell.length_c   82.759
_cell.angle_alpha   90.00
_cell.angle_beta   90.00
_cell.angle_gamma   90.00
#
_symmetry.space_group_name_H-M   'P 43 21 2'
#
loop_
_entity.id
_entity.type
_entity.pdbx_description
1 polymer 'Enoyl-ACP reductase'
2 non-polymer NICOTINAMIDE-ADENINE-DINUCLEOTIDE
3 non-polymer TRICLOSAN
4 water water
#
_entity_poly.entity_id   1
_entity_poly.type   'polypeptide(L)'
_entity_poly.pdbx_seq_one_letter_code
;NEDICFIAGIGDTNGYGWGIAKELSKRNVKIIFGIWPPVYNIFMKNYKNGKFDNDMIIDKDKKMNILDMLPFDASFDTAN
DIDEETKNNKRYNMLQNYTIEDVANLIHQKYGKINMLVHSLANAKEVQKDLLNTSRKGYLDALSKSSYSLISLCKYFVNI
MKPQSSIISLTYHASQKVVPGYGGGMSSAKAALESDTRVLAYHLGRNYNIRINTISAGPLKSRAATAINKLNNTYENNTN
QNKNRNRHDVHNIMNNSGEKEEKKISASQNYTFIDYMIEYSEKYAPLRQKLLSTDIGSVASFLLSRESRAITGQTIYVDN
GLNIMFLPD
;
_entity_poly.pdbx_strand_id   A,B
#
loop_
_chem_comp.id
_chem_comp.type
_chem_comp.name
_chem_comp.formula
NAD non-polymer NICOTINAMIDE-ADENINE-DINUCLEOTIDE 'C21 H27 N7 O14 P2'
TCL non-polymer TRICLOSAN 'C12 H7 Cl3 O2'
#
# COMPACT_ATOMS: atom_id res chain seq x y z
N ASN A 1 24.05 2.11 9.60
CA ASN A 1 24.32 2.59 8.20
C ASN A 1 23.16 3.44 7.65
N GLU A 2 23.47 4.37 6.77
CA GLU A 2 22.43 5.11 6.11
C GLU A 2 21.95 4.31 4.88
N ASP A 3 20.82 4.72 4.30
CA ASP A 3 20.26 4.14 3.10
C ASP A 3 20.60 4.97 1.86
N ILE A 4 20.78 4.27 0.74
CA ILE A 4 21.02 4.94 -0.51
C ILE A 4 19.99 4.52 -1.54
N CYS A 5 19.34 5.51 -2.14
CA CYS A 5 18.37 5.26 -3.18
C CYS A 5 18.80 5.89 -4.49
N PHE A 6 18.82 5.09 -5.56
CA PHE A 6 19.03 5.63 -6.91
C PHE A 6 17.69 5.90 -7.56
N ILE A 7 17.46 7.14 -8.01
CA ILE A 7 16.20 7.52 -8.65
C ILE A 7 16.46 7.82 -10.10
N ALA A 8 15.95 6.93 -10.94
CA ALA A 8 16.17 6.99 -12.36
C ALA A 8 14.93 7.68 -12.98
N GLY A 9 15.12 8.85 -13.58
CA GLY A 9 13.99 9.59 -14.15
C GLY A 9 13.70 10.98 -13.62
N ILE A 10 14.75 11.77 -13.34
CA ILE A 10 14.58 13.14 -12.89
C ILE A 10 15.08 14.12 -13.95
N GLY A 11 14.22 15.07 -14.32
CA GLY A 11 14.50 16.03 -15.39
C GLY A 11 14.22 17.46 -14.94
N ASP A 12 13.40 17.59 -13.90
CA ASP A 12 13.16 18.86 -13.27
C ASP A 12 12.53 18.52 -11.93
N THR A 13 11.79 19.48 -11.37
CA THR A 13 11.21 19.30 -10.04
C THR A 13 9.72 19.13 -10.11
N ASN A 14 9.15 19.05 -11.30
CA ASN A 14 7.69 18.95 -11.42
C ASN A 14 7.15 17.55 -11.68
N GLY A 15 7.99 16.53 -11.51
CA GLY A 15 7.54 15.18 -11.76
C GLY A 15 7.47 14.36 -10.49
N TYR A 16 7.16 13.06 -10.66
CA TYR A 16 7.10 12.16 -9.52
C TYR A 16 8.48 11.83 -8.93
N GLY A 17 9.51 11.77 -9.78
CA GLY A 17 10.87 11.50 -9.30
C GLY A 17 11.25 12.46 -8.20
N TRP A 18 11.04 13.74 -8.44
CA TRP A 18 11.36 14.77 -7.44
C TRP A 18 10.56 14.59 -6.14
N GLY A 19 9.25 14.37 -6.26
CA GLY A 19 8.39 14.15 -5.11
C GLY A 19 8.82 12.96 -4.26
N ILE A 20 9.29 11.88 -4.91
CA ILE A 20 9.79 10.67 -4.24
C ILE A 20 11.11 11.00 -3.55
N ALA A 21 11.94 11.77 -4.24
CA ALA A 21 13.19 12.26 -3.67
C ALA A 21 12.95 13.09 -2.39
N LYS A 22 11.98 14.02 -2.43
CA LYS A 22 11.61 14.83 -1.25
C LYS A 22 11.20 14.00 -0.05
N GLU A 23 10.24 13.09 -0.24
CA GLU A 23 9.78 12.22 0.82
C GLU A 23 10.86 11.29 1.41
N LEU A 24 11.69 10.70 0.58
CA LEU A 24 12.80 9.87 1.09
C LEU A 24 13.80 10.69 1.93
N SER A 25 13.98 11.95 1.54
CA SER A 25 14.84 12.87 2.26
C SER A 25 14.36 13.16 3.65
N LYS A 26 13.05 13.33 3.84
CA LYS A 26 12.49 13.37 5.18
C LYS A 26 13.04 12.21 6.01
N ARG A 27 13.11 10.99 5.46
CA ARG A 27 13.64 9.82 6.19
C ARG A 27 15.17 9.77 6.27
N ASN A 28 15.86 10.83 5.84
CA ASN A 28 17.34 10.80 5.75
C ASN A 28 17.91 9.72 4.81
N VAL A 29 17.27 9.50 3.66
CA VAL A 29 17.80 8.57 2.68
C VAL A 29 18.72 9.41 1.80
N LYS A 30 19.91 8.91 1.53
CA LYS A 30 20.83 9.60 0.62
C LYS A 30 20.31 9.37 -0.77
N ILE A 31 20.11 10.45 -1.54
CA ILE A 31 19.54 10.38 -2.88
C ILE A 31 20.58 10.51 -4.01
N ILE A 32 20.52 9.59 -5.00
CA ILE A 32 21.30 9.71 -6.24
C ILE A 32 20.36 9.87 -7.46
N PHE A 33 20.51 10.94 -8.25
CA PHE A 33 19.66 11.16 -9.44
C PHE A 33 20.24 10.58 -10.69
N GLY A 34 19.41 9.84 -11.43
CA GLY A 34 19.70 9.38 -12.80
C GLY A 34 19.01 10.33 -13.77
N ILE A 35 19.79 11.06 -14.56
CA ILE A 35 19.24 12.12 -15.40
C ILE A 35 19.52 11.77 -16.87
N TRP A 36 18.47 11.88 -17.70
CA TRP A 36 18.51 11.49 -19.11
C TRP A 36 19.42 12.50 -19.80
N PRO A 37 20.46 12.01 -20.53
CA PRO A 37 21.50 12.90 -21.10
C PRO A 37 20.98 14.16 -21.81
N PRO A 38 19.97 14.03 -22.71
CA PRO A 38 19.42 15.20 -23.36
C PRO A 38 19.09 16.36 -22.45
N VAL A 39 18.78 16.11 -21.17
CA VAL A 39 18.45 17.21 -20.26
C VAL A 39 19.42 17.34 -19.08
N TYR A 40 20.54 16.60 -19.11
CA TYR A 40 21.51 16.60 -18.02
C TYR A 40 22.16 17.98 -17.79
N ASN A 41 22.69 18.58 -18.84
CA ASN A 41 23.36 19.84 -18.70
C ASN A 41 22.49 21.04 -18.35
N ILE A 42 21.25 21.06 -18.82
CA ILE A 42 20.30 22.08 -18.38
C ILE A 42 19.87 21.86 -16.92
N PHE A 43 19.80 20.60 -16.49
CA PHE A 43 19.43 20.32 -15.11
C PHE A 43 20.54 20.85 -14.18
N MET A 44 21.77 20.44 -14.48
CA MET A 44 22.97 20.91 -13.78
C MET A 44 23.03 22.43 -13.74
N LYS A 45 22.74 23.08 -14.88
CA LYS A 45 22.76 24.54 -14.96
C LYS A 45 21.75 25.10 -14.00
N ASN A 46 20.49 24.61 -14.07
CA ASN A 46 19.45 25.09 -13.18
C ASN A 46 19.76 24.87 -11.71
N TYR A 47 20.37 23.74 -11.41
CA TYR A 47 20.70 23.41 -10.05
C TYR A 47 21.77 24.39 -9.51
N LYS A 48 22.89 24.49 -10.22
CA LYS A 48 24.01 25.42 -9.90
C LYS A 48 23.44 26.82 -9.68
N ASN A 49 22.60 27.25 -10.62
CA ASN A 49 21.93 28.54 -10.57
C ASN A 49 20.88 28.76 -9.45
N GLY A 50 20.69 27.76 -8.61
CA GLY A 50 19.77 27.85 -7.50
C GLY A 50 18.32 28.01 -7.91
N LYS A 51 17.93 27.28 -8.94
CA LYS A 51 16.55 27.34 -9.44
C LYS A 51 15.68 26.30 -8.74
N PHE A 52 16.31 25.35 -8.05
CA PHE A 52 15.58 24.30 -7.34
C PHE A 52 15.67 24.48 -5.83
N ASP A 53 16.46 25.44 -5.40
CA ASP A 53 16.64 25.70 -3.97
C ASP A 53 15.32 25.62 -3.21
N ASN A 54 14.31 26.34 -3.69
CA ASN A 54 13.01 26.38 -3.04
C ASN A 54 12.32 25.02 -2.97
N ASP A 55 12.46 24.24 -4.04
CA ASP A 55 11.81 22.93 -4.12
C ASP A 55 12.56 21.88 -3.30
N MET A 56 13.73 22.24 -2.80
CA MET A 56 14.54 21.32 -2.00
C MET A 56 14.33 21.55 -0.50
N ILE A 57 13.42 22.47 -0.17
CA ILE A 57 13.15 22.80 1.22
C ILE A 57 12.21 21.76 1.82
N ILE A 58 12.61 21.17 2.95
CA ILE A 58 11.75 20.17 3.57
C ILE A 58 10.90 20.84 4.65
N ASP A 59 11.55 21.68 5.44
CA ASP A 59 10.89 22.41 6.51
C ASP A 59 11.97 23.00 7.40
N LYS A 60 11.57 23.73 8.44
CA LYS A 60 12.53 24.32 9.35
C LYS A 60 13.73 23.41 9.55
N ASP A 61 13.47 22.11 9.60
CA ASP A 61 14.51 21.10 9.80
C ASP A 61 15.80 20.98 8.99
N LYS A 62 15.67 20.50 7.76
CA LYS A 62 16.82 20.28 6.89
C LYS A 62 16.34 20.41 5.45
N LYS A 63 17.29 20.36 4.52
CA LYS A 63 17.00 20.44 3.10
C LYS A 63 17.37 19.13 2.41
N MET A 64 16.84 18.92 1.22
CA MET A 64 17.11 17.71 0.45
C MET A 64 18.60 17.48 0.30
N ASN A 65 19.06 16.32 0.76
CA ASN A 65 20.47 15.96 0.66
C ASN A 65 20.73 15.06 -0.54
N ILE A 66 21.16 15.65 -1.64
CA ILE A 66 21.43 14.91 -2.86
C ILE A 66 22.87 14.42 -2.92
N LEU A 67 23.05 13.11 -2.83
CA LEU A 67 24.39 12.52 -2.85
C LEU A 67 25.11 12.77 -4.15
N ASP A 68 24.44 12.49 -5.28
CA ASP A 68 25.05 12.66 -6.58
C ASP A 68 24.02 12.81 -7.70
N MET A 69 24.48 13.31 -8.85
CA MET A 69 23.63 13.46 -10.02
C MET A 69 24.39 13.00 -11.26
N LEU A 70 23.98 11.86 -11.82
CA LEU A 70 24.67 11.28 -12.96
C LEU A 70 23.78 11.16 -14.19
N PRO A 71 24.40 11.18 -15.37
CA PRO A 71 23.67 10.98 -16.62
C PRO A 71 23.27 9.53 -16.79
N PHE A 72 22.01 9.29 -17.13
CA PHE A 72 21.50 7.92 -17.22
C PHE A 72 20.53 7.75 -18.39
N ASP A 73 20.84 6.79 -19.26
CA ASP A 73 19.99 6.48 -20.40
C ASP A 73 19.50 5.03 -20.34
N ALA A 74 18.20 4.86 -20.14
CA ALA A 74 17.60 3.53 -20.04
C ALA A 74 17.46 2.87 -21.42
N SER A 75 17.86 3.60 -22.45
CA SER A 75 17.77 3.08 -23.81
C SER A 75 18.94 2.15 -24.13
N PHE A 76 20.01 2.26 -23.35
CA PHE A 76 21.19 1.43 -23.56
C PHE A 76 21.54 0.64 -22.31
N ASP A 77 21.77 -0.66 -22.47
CA ASP A 77 22.10 -1.54 -21.36
C ASP A 77 23.60 -1.47 -21.03
N THR A 78 24.42 -1.56 -22.07
CA THR A 78 25.87 -1.51 -21.89
C THR A 78 26.53 -0.56 -22.88
N ALA A 79 27.80 -0.23 -22.62
CA ALA A 79 28.56 0.65 -23.48
C ALA A 79 28.47 0.24 -24.98
N ASN A 80 28.54 -1.06 -25.23
CA ASN A 80 28.40 -1.61 -26.58
C ASN A 80 27.13 -1.25 -27.34
N ASP A 81 26.06 -0.89 -26.61
CA ASP A 81 24.75 -0.76 -27.19
C ASP A 81 24.49 0.60 -27.78
N ILE A 82 25.32 1.58 -27.46
CA ILE A 82 25.10 2.92 -27.98
C ILE A 82 25.45 2.96 -29.46
N ASP A 83 24.56 3.55 -30.28
CA ASP A 83 24.81 3.65 -31.72
C ASP A 83 25.69 4.86 -32.09
N GLU A 84 25.95 5.04 -33.39
CA GLU A 84 26.78 6.13 -33.92
C GLU A 84 26.17 7.52 -33.66
N GLU A 85 24.88 7.63 -34.01
CA GLU A 85 24.08 8.87 -33.91
C GLU A 85 24.09 9.46 -32.49
N THR A 86 23.88 8.60 -31.51
CA THR A 86 23.88 9.02 -30.10
C THR A 86 25.31 9.39 -29.65
N LYS A 87 26.25 8.48 -29.93
CA LYS A 87 27.67 8.73 -29.71
C LYS A 87 28.07 10.08 -30.32
N ASN A 88 27.56 10.35 -31.54
CA ASN A 88 27.79 11.61 -32.28
C ASN A 88 26.92 12.79 -31.88
N ASN A 89 26.13 12.64 -30.82
CA ASN A 89 25.16 13.67 -30.47
C ASN A 89 25.77 14.81 -29.67
N LYS A 90 25.26 16.03 -29.91
CA LYS A 90 25.70 17.22 -29.19
C LYS A 90 25.74 16.98 -27.68
N ARG A 91 24.59 16.54 -27.11
CA ARG A 91 24.43 16.32 -25.65
C ARG A 91 25.23 15.15 -25.06
N TYR A 92 25.32 14.03 -25.78
CA TYR A 92 26.00 12.84 -25.28
C TYR A 92 27.52 12.90 -25.40
N ASN A 93 28.05 13.52 -26.45
CA ASN A 93 29.50 13.58 -26.72
C ASN A 93 30.29 14.02 -25.48
N MET A 94 29.80 15.06 -24.80
CA MET A 94 30.39 15.60 -23.56
C MET A 94 30.21 14.74 -22.30
N LEU A 95 29.44 13.66 -22.39
CA LEU A 95 29.16 12.80 -21.22
C LEU A 95 29.65 11.39 -21.45
N GLN A 96 29.76 10.61 -20.38
CA GLN A 96 30.20 9.23 -20.48
C GLN A 96 29.55 8.40 -19.37
N ASN A 97 29.69 7.07 -19.51
CA ASN A 97 29.29 6.09 -18.49
C ASN A 97 27.84 6.25 -18.05
N TYR A 98 26.96 6.44 -19.02
CA TYR A 98 25.56 6.72 -18.75
C TYR A 98 24.62 5.55 -19.13
N THR A 99 25.18 4.41 -19.56
CA THR A 99 24.36 3.22 -19.84
C THR A 99 24.00 2.59 -18.50
N ILE A 100 23.04 1.69 -18.49
CA ILE A 100 22.53 1.14 -17.25
C ILE A 100 23.64 0.43 -16.47
N GLU A 101 24.44 -0.37 -17.16
CA GLU A 101 25.49 -1.08 -16.45
C GLU A 101 26.59 -0.11 -15.95
N ASP A 102 26.94 0.84 -16.80
CA ASP A 102 27.95 1.81 -16.45
C ASP A 102 27.58 2.58 -15.18
N VAL A 103 26.30 2.96 -15.08
CA VAL A 103 25.82 3.67 -13.93
C VAL A 103 25.87 2.77 -12.68
N ALA A 104 25.46 1.50 -12.79
CA ALA A 104 25.55 0.55 -11.68
C ALA A 104 26.97 0.48 -11.11
N ASN A 105 27.93 0.32 -12.02
CA ASN A 105 29.32 0.22 -11.66
C ASN A 105 29.84 1.49 -10.97
N LEU A 106 29.50 2.63 -11.55
CA LEU A 106 29.95 3.93 -11.12
C LEU A 106 29.44 4.28 -9.73
N ILE A 107 28.16 3.96 -9.46
CA ILE A 107 27.54 4.22 -8.16
C ILE A 107 28.24 3.34 -7.14
N HIS A 108 28.41 2.08 -7.54
CA HIS A 108 29.02 1.10 -6.68
C HIS A 108 30.47 1.44 -6.38
N GLN A 109 31.20 1.89 -7.38
CA GLN A 109 32.58 2.27 -7.21
C GLN A 109 32.68 3.41 -6.20
N LYS A 110 31.77 4.37 -6.32
CA LYS A 110 31.82 5.61 -5.54
C LYS A 110 31.27 5.49 -4.13
N TYR A 111 30.17 4.76 -3.98
CA TYR A 111 29.41 4.79 -2.72
C TYR A 111 29.09 3.42 -2.15
N GLY A 112 29.47 2.38 -2.89
CA GLY A 112 29.17 0.99 -2.49
C GLY A 112 27.77 0.53 -2.76
N LYS A 113 27.31 -0.43 -1.97
CA LYS A 113 25.97 -1.04 -2.15
C LYS A 113 24.87 -0.12 -1.73
N ILE A 114 23.82 -0.11 -2.55
CA ILE A 114 22.60 0.66 -2.29
C ILE A 114 21.49 -0.28 -1.84
N ASN A 115 20.37 0.28 -1.42
CA ASN A 115 19.34 -0.59 -0.95
C ASN A 115 17.92 -0.18 -1.37
N MET A 116 17.83 0.85 -2.21
CA MET A 116 16.55 1.37 -2.71
C MET A 116 16.72 1.81 -4.16
N LEU A 117 15.80 1.35 -5.00
CA LEU A 117 15.85 1.61 -6.43
C LEU A 117 14.49 2.12 -6.91
N VAL A 118 14.50 3.22 -7.65
CA VAL A 118 13.26 3.80 -8.14
C VAL A 118 13.26 4.00 -9.66
N HIS A 119 12.32 3.33 -10.32
CA HIS A 119 12.13 3.48 -11.76
C HIS A 119 11.02 4.49 -11.99
N SER A 120 11.39 5.72 -12.31
CA SER A 120 10.41 6.77 -12.53
C SER A 120 10.59 7.42 -13.90
N LEU A 121 10.56 6.60 -14.94
CA LEU A 121 10.75 7.09 -16.29
C LEU A 121 9.91 6.33 -17.29
N ALA A 122 9.66 6.97 -18.43
CA ALA A 122 8.90 6.36 -19.51
C ALA A 122 9.10 7.17 -20.77
N ASN A 123 8.94 6.53 -21.92
CA ASN A 123 9.03 7.22 -23.19
C ASN A 123 8.40 6.41 -24.31
N ALA A 124 7.91 7.13 -25.32
CA ALA A 124 7.21 6.52 -26.42
C ALA A 124 7.23 7.54 -27.51
N LYS A 125 8.06 7.29 -28.53
CA LYS A 125 8.20 8.21 -29.63
C LYS A 125 6.87 8.52 -30.34
N GLU A 126 5.92 7.59 -30.29
CA GLU A 126 4.63 7.80 -30.96
C GLU A 126 3.42 8.00 -30.02
N VAL A 127 3.69 8.51 -28.81
CA VAL A 127 2.67 8.72 -27.81
C VAL A 127 1.46 9.51 -28.34
N GLN A 128 1.67 10.42 -29.27
CA GLN A 128 0.57 11.22 -29.80
C GLN A 128 -0.33 10.53 -30.87
N LYS A 129 -0.01 9.28 -31.20
CA LYS A 129 -0.84 8.48 -32.11
C LYS A 129 -1.57 7.44 -31.31
N ASP A 130 -2.81 7.15 -31.71
CA ASP A 130 -3.53 6.10 -31.07
C ASP A 130 -2.95 4.74 -31.44
N LEU A 131 -3.30 3.73 -30.64
CA LEU A 131 -2.68 2.44 -30.78
C LEU A 131 -2.75 1.89 -32.19
N LEU A 132 -3.88 2.04 -32.87
CA LEU A 132 -4.08 1.52 -34.24
C LEU A 132 -3.16 2.12 -35.31
N ASN A 133 -2.72 3.36 -35.05
CA ASN A 133 -1.86 4.10 -35.94
C ASN A 133 -0.40 4.14 -35.50
N THR A 134 -0.08 3.39 -34.45
CA THR A 134 1.29 3.32 -33.97
C THR A 134 2.07 2.28 -34.80
N SER A 135 3.28 2.63 -35.24
CA SER A 135 4.14 1.71 -36.03
C SER A 135 4.85 0.69 -35.14
N ARG A 136 5.42 -0.35 -35.76
CA ARG A 136 6.17 -1.34 -35.01
C ARG A 136 7.36 -0.69 -34.32
N LYS A 137 8.05 0.19 -35.04
CA LYS A 137 9.23 0.85 -34.46
C LYS A 137 8.74 1.69 -33.28
N GLY A 138 7.62 2.39 -33.45
CA GLY A 138 7.07 3.21 -32.36
C GLY A 138 6.65 2.45 -31.12
N TYR A 139 5.99 1.33 -31.33
CA TYR A 139 5.46 0.46 -30.27
C TYR A 139 6.58 -0.17 -29.44
N LEU A 140 7.58 -0.70 -30.14
CA LEU A 140 8.72 -1.36 -29.53
C LEU A 140 9.61 -0.34 -28.79
N ASP A 141 9.63 0.89 -29.28
CA ASP A 141 10.29 1.98 -28.55
C ASP A 141 9.67 2.25 -27.16
N ALA A 142 8.34 2.29 -27.12
CA ALA A 142 7.61 2.51 -25.90
C ALA A 142 7.93 1.38 -24.93
N LEU A 143 7.84 0.14 -25.40
CA LEU A 143 8.12 -1.01 -24.57
C LEU A 143 9.59 -1.05 -24.14
N SER A 144 10.48 -0.64 -25.04
CA SER A 144 11.91 -0.66 -24.77
C SER A 144 12.33 0.33 -23.70
N LYS A 145 11.86 1.57 -23.81
CA LYS A 145 12.25 2.63 -22.88
C LYS A 145 11.41 2.65 -21.61
N SER A 146 10.16 2.19 -21.72
CA SER A 146 9.24 2.25 -20.59
C SER A 146 9.07 0.93 -19.85
N SER A 147 9.21 -0.18 -20.60
CA SER A 147 9.00 -1.50 -20.02
C SER A 147 10.31 -2.20 -19.66
N TYR A 148 11.01 -2.70 -20.69
CA TYR A 148 12.25 -3.43 -20.49
C TYR A 148 13.21 -2.72 -19.55
N SER A 149 13.28 -1.40 -19.67
CA SER A 149 14.18 -0.59 -18.84
C SER A 149 14.12 -1.05 -17.38
N LEU A 150 12.95 -1.47 -16.94
CA LEU A 150 12.77 -1.94 -15.57
C LEU A 150 13.53 -3.24 -15.35
N ILE A 151 13.35 -4.19 -16.27
CA ILE A 151 14.05 -5.48 -16.19
C ILE A 151 15.55 -5.28 -16.22
N SER A 152 16.00 -4.39 -17.11
CA SER A 152 17.43 -4.08 -17.22
C SER A 152 17.93 -3.52 -15.89
N LEU A 153 17.25 -2.49 -15.40
CA LEU A 153 17.61 -1.87 -14.12
C LEU A 153 17.87 -2.93 -13.06
N CYS A 154 16.94 -3.88 -12.93
CA CYS A 154 17.04 -4.94 -11.93
C CYS A 154 18.24 -5.83 -12.19
N LYS A 155 18.33 -6.38 -13.40
CA LYS A 155 19.43 -7.28 -13.77
C LYS A 155 20.79 -6.70 -13.31
N TYR A 156 21.01 -5.44 -13.61
CA TYR A 156 22.29 -4.79 -13.34
C TYR A 156 22.45 -4.26 -11.93
N PHE A 157 21.35 -3.81 -11.33
CA PHE A 157 21.44 -3.18 -10.03
C PHE A 157 21.48 -4.13 -8.86
N VAL A 158 20.87 -5.29 -9.01
CA VAL A 158 20.88 -6.29 -7.95
C VAL A 158 22.26 -6.67 -7.46
N ASN A 159 23.26 -6.72 -8.32
CA ASN A 159 24.63 -7.00 -7.85
C ASN A 159 25.21 -5.94 -6.87
N ILE A 160 24.69 -4.72 -6.97
CA ILE A 160 25.13 -3.65 -6.10
C ILE A 160 24.12 -3.32 -5.00
N MET A 161 23.22 -4.24 -4.73
CA MET A 161 22.22 -4.03 -3.69
C MET A 161 22.35 -5.03 -2.54
N LYS A 162 21.96 -4.61 -1.34
CA LYS A 162 21.94 -5.47 -0.16
C LYS A 162 20.75 -6.42 -0.18
N PRO A 163 20.85 -7.55 0.55
CA PRO A 163 19.63 -8.34 0.71
C PRO A 163 18.60 -7.49 1.42
N GLN A 164 17.33 -7.84 1.22
CA GLN A 164 16.20 -7.10 1.77
C GLN A 164 16.01 -5.71 1.18
N SER A 165 16.59 -5.46 0.01
CA SER A 165 16.39 -4.18 -0.66
C SER A 165 15.03 -4.10 -1.33
N SER A 166 14.70 -2.95 -1.88
CA SER A 166 13.38 -2.71 -2.37
C SER A 166 13.45 -1.84 -3.60
N ILE A 167 12.55 -2.13 -4.55
CA ILE A 167 12.51 -1.48 -5.87
C ILE A 167 11.07 -1.08 -6.17
N ILE A 168 10.90 0.11 -6.76
CA ILE A 168 9.57 0.53 -7.21
C ILE A 168 9.61 1.15 -8.62
N SER A 169 8.47 1.14 -9.28
CA SER A 169 8.34 1.82 -10.54
C SER A 169 6.97 2.51 -10.50
N LEU A 170 6.71 3.31 -11.53
CA LEU A 170 5.43 4.02 -11.65
C LEU A 170 4.63 3.54 -12.85
N THR A 171 3.36 3.28 -12.63
CA THR A 171 2.48 2.89 -13.72
C THR A 171 1.24 3.79 -13.82
N TYR A 172 0.36 3.48 -14.77
CA TYR A 172 -0.88 4.22 -14.95
C TYR A 172 -1.98 3.22 -15.32
N HIS A 173 -3.20 3.54 -14.84
CA HIS A 173 -4.43 2.73 -14.97
C HIS A 173 -4.87 2.44 -16.42
N ALA A 174 -4.31 3.18 -17.38
CA ALA A 174 -4.55 2.96 -18.81
C ALA A 174 -4.17 1.53 -19.25
N SER A 175 -3.33 0.87 -18.46
CA SER A 175 -2.99 -0.55 -18.63
C SER A 175 -4.22 -1.45 -18.45
N GLN A 176 -5.13 -1.04 -17.56
CA GLN A 176 -6.26 -1.88 -17.18
C GLN A 176 -7.57 -1.42 -17.81
N LYS A 177 -7.74 -0.10 -17.97
CA LYS A 177 -8.95 0.46 -18.58
C LYS A 177 -8.54 1.44 -19.68
N VAL A 178 -9.39 1.55 -20.69
CA VAL A 178 -9.08 2.32 -21.86
C VAL A 178 -9.09 3.80 -21.52
N VAL A 179 -7.95 4.45 -21.77
CA VAL A 179 -7.83 5.89 -21.66
C VAL A 179 -7.43 6.42 -23.04
N PRO A 180 -8.42 6.91 -23.83
CA PRO A 180 -8.30 7.36 -25.22
C PRO A 180 -7.02 8.11 -25.62
N GLY A 181 -6.63 9.17 -24.92
CA GLY A 181 -5.39 9.85 -25.39
C GLY A 181 -4.03 9.21 -25.10
N TYR A 182 -4.01 8.10 -24.37
CA TYR A 182 -2.74 7.53 -23.88
C TYR A 182 -2.21 6.55 -24.92
N GLY A 183 -1.65 7.12 -25.98
CA GLY A 183 -1.26 6.35 -27.15
C GLY A 183 0.18 5.94 -27.25
N GLY A 184 0.54 5.44 -28.43
CA GLY A 184 1.92 5.12 -28.79
C GLY A 184 2.39 3.79 -28.23
N GLY A 185 1.47 3.05 -27.59
CA GLY A 185 1.82 1.81 -26.95
C GLY A 185 2.25 2.03 -25.51
N MET A 186 2.01 3.23 -25.00
CA MET A 186 2.22 3.50 -23.56
C MET A 186 1.31 2.63 -22.68
N SER A 187 0.07 2.43 -23.11
CA SER A 187 -0.86 1.57 -22.38
C SER A 187 -0.29 0.15 -22.36
N SER A 188 0.24 -0.25 -23.51
CA SER A 188 0.83 -1.57 -23.68
C SER A 188 2.07 -1.71 -22.80
N ALA A 189 2.93 -0.69 -22.83
CA ALA A 189 4.12 -0.65 -21.98
C ALA A 189 3.77 -0.77 -20.48
N LYS A 190 2.71 -0.11 -20.06
CA LYS A 190 2.31 -0.11 -18.66
C LYS A 190 1.76 -1.48 -18.25
N ALA A 191 1.00 -2.10 -19.17
CA ALA A 191 0.45 -3.43 -18.94
C ALA A 191 1.58 -4.43 -18.70
N ALA A 192 2.61 -4.35 -19.57
CA ALA A 192 3.77 -5.23 -19.47
C ALA A 192 4.58 -4.94 -18.21
N LEU A 193 4.70 -3.67 -17.85
CA LEU A 193 5.39 -3.26 -16.62
C LEU A 193 4.72 -3.87 -15.36
N GLU A 194 3.39 -3.81 -15.34
CA GLU A 194 2.67 -4.29 -14.21
C GLU A 194 2.80 -5.81 -14.07
N SER A 195 2.79 -6.52 -15.18
CA SER A 195 2.97 -7.98 -15.17
C SER A 195 4.43 -8.37 -14.84
N ASP A 196 5.39 -7.68 -15.48
CA ASP A 196 6.83 -7.83 -15.24
C ASP A 196 7.15 -7.65 -13.75
N THR A 197 6.45 -6.71 -13.11
CA THR A 197 6.57 -6.49 -11.67
C THR A 197 6.31 -7.78 -10.85
N ARG A 198 5.32 -8.56 -11.26
CA ARG A 198 5.01 -9.83 -10.62
C ARG A 198 6.10 -10.88 -10.83
N VAL A 199 6.43 -11.13 -12.09
CA VAL A 199 7.49 -12.08 -12.44
C VAL A 199 8.83 -11.77 -11.75
N LEU A 200 9.25 -10.50 -11.86
CA LEU A 200 10.43 -10.00 -11.14
C LEU A 200 10.31 -10.21 -9.63
N ALA A 201 9.13 -9.94 -9.06
CA ALA A 201 8.89 -10.18 -7.63
C ALA A 201 9.21 -11.63 -7.22
N TYR A 202 8.74 -12.59 -8.02
CA TYR A 202 9.02 -13.99 -7.81
C TYR A 202 10.54 -14.26 -7.83
N HIS A 203 11.21 -13.82 -8.90
CA HIS A 203 12.64 -14.04 -9.08
C HIS A 203 13.51 -13.37 -8.02
N LEU A 204 13.35 -12.05 -7.85
CA LEU A 204 14.09 -11.28 -6.85
C LEU A 204 13.80 -11.67 -5.43
N GLY A 205 12.57 -12.08 -5.17
CA GLY A 205 12.15 -12.53 -3.84
C GLY A 205 12.82 -13.84 -3.47
N ARG A 206 12.69 -14.86 -4.33
CA ARG A 206 13.26 -16.16 -4.07
C ARG A 206 14.78 -16.12 -4.11
N ASN A 207 15.37 -15.45 -5.10
CA ASN A 207 16.81 -15.52 -5.27
C ASN A 207 17.59 -14.56 -4.39
N TYR A 208 17.03 -13.42 -4.02
CA TYR A 208 17.82 -12.38 -3.34
C TYR A 208 17.13 -11.78 -2.15
N ASN A 209 15.92 -12.24 -1.92
CA ASN A 209 15.08 -11.70 -0.87
C ASN A 209 14.85 -10.21 -1.06
N ILE A 210 14.64 -9.80 -2.30
CA ILE A 210 14.44 -8.39 -2.66
C ILE A 210 13.00 -8.22 -3.14
N ARG A 211 12.39 -7.11 -2.76
CA ARG A 211 11.00 -6.82 -3.10
C ARG A 211 10.92 -5.84 -4.27
N ILE A 212 9.87 -5.99 -5.06
CA ILE A 212 9.58 -5.01 -6.09
C ILE A 212 8.04 -4.80 -6.12
N ASN A 213 7.63 -3.54 -6.26
CA ASN A 213 6.25 -3.14 -6.37
C ASN A 213 6.12 -2.01 -7.39
N THR A 214 4.90 -1.72 -7.82
CA THR A 214 4.69 -0.60 -8.71
C THR A 214 3.55 0.31 -8.21
N ILE A 215 3.72 1.61 -8.34
CA ILE A 215 2.69 2.55 -7.89
C ILE A 215 1.91 3.08 -9.12
N SER A 216 0.61 2.92 -9.08
CA SER A 216 -0.20 3.43 -10.15
C SER A 216 -0.69 4.76 -9.67
N ALA A 217 -0.04 5.80 -10.16
CA ALA A 217 -0.35 7.20 -9.82
C ALA A 217 -1.51 7.80 -10.60
N GLY A 218 -2.20 8.74 -10.00
CA GLY A 218 -3.13 9.58 -10.74
C GLY A 218 -2.36 10.66 -11.47
N PRO A 219 -3.08 11.57 -12.15
CA PRO A 219 -2.46 12.58 -13.02
C PRO A 219 -1.72 13.67 -12.26
N LEU A 220 -0.58 14.06 -12.80
CA LEU A 220 0.24 15.13 -12.29
C LEU A 220 0.78 15.88 -13.48
N LYS A 221 0.69 17.21 -13.45
CA LYS A 221 1.11 18.00 -14.59
C LYS A 221 2.63 18.10 -14.64
N SER A 222 3.27 17.12 -15.25
CA SER A 222 4.72 17.02 -15.33
C SER A 222 5.22 17.34 -16.76
N ARG A 223 6.54 17.37 -16.97
CA ARG A 223 7.08 17.57 -18.33
C ARG A 223 6.49 16.57 -19.31
N ALA A 224 6.58 15.28 -18.99
CA ALA A 224 6.06 14.26 -19.90
C ALA A 224 4.54 14.31 -20.14
N ALA A 225 3.76 14.51 -19.08
CA ALA A 225 2.29 14.56 -19.18
C ALA A 225 1.87 15.66 -20.16
N THR A 226 2.67 16.71 -20.17
CA THR A 226 2.47 17.90 -20.97
C THR A 226 2.58 17.60 -22.45
N ALA A 227 3.36 16.58 -22.81
CA ALA A 227 3.50 16.10 -24.19
C ALA A 227 2.28 15.33 -24.76
N ILE A 228 1.51 14.63 -23.93
CA ILE A 228 0.39 13.80 -24.41
C ILE A 228 -0.76 14.58 -25.11
N ASN A 229 -1.76 13.84 -25.58
CA ASN A 229 -2.95 14.45 -26.20
C ASN A 229 -4.20 13.63 -25.98
N THR A 272 -5.61 20.07 -23.47
CA THR A 272 -4.51 19.15 -23.17
C THR A 272 -4.99 17.96 -22.38
N PHE A 273 -4.58 16.78 -22.84
CA PHE A 273 -4.85 15.53 -22.14
C PHE A 273 -4.73 15.72 -20.62
N ILE A 274 -3.58 16.18 -20.17
CA ILE A 274 -3.32 16.22 -18.75
C ILE A 274 -4.21 17.21 -17.98
N ASP A 275 -4.57 18.33 -18.58
CA ASP A 275 -5.48 19.26 -17.89
C ASP A 275 -6.88 18.68 -17.68
N TYR A 276 -7.37 17.98 -18.71
CA TYR A 276 -8.59 17.20 -18.61
C TYR A 276 -8.52 16.11 -17.52
N MET A 277 -7.48 15.28 -17.55
CA MET A 277 -7.31 14.23 -16.55
C MET A 277 -7.32 14.75 -15.15
N ILE A 278 -6.59 15.85 -14.93
CA ILE A 278 -6.52 16.49 -13.64
C ILE A 278 -7.91 17.02 -13.25
N GLU A 279 -8.59 17.71 -14.19
CA GLU A 279 -9.88 18.31 -13.87
C GLU A 279 -10.89 17.19 -13.57
N TYR A 280 -10.88 16.13 -14.36
CA TYR A 280 -11.80 15.00 -14.14
C TYR A 280 -11.57 14.33 -12.77
N SER A 281 -10.30 14.10 -12.43
CA SER A 281 -9.90 13.45 -11.20
C SER A 281 -10.32 14.26 -9.98
N GLU A 282 -10.04 15.55 -10.02
CA GLU A 282 -10.41 16.43 -8.93
C GLU A 282 -11.93 16.62 -8.76
N LYS A 283 -12.68 16.27 -9.80
CA LYS A 283 -14.13 16.40 -9.72
C LYS A 283 -14.85 15.07 -9.30
N TYR A 284 -14.33 13.94 -9.76
CA TYR A 284 -14.96 12.65 -9.55
C TYR A 284 -14.27 11.66 -8.62
N ALA A 285 -12.97 11.86 -8.30
CA ALA A 285 -12.30 10.99 -7.36
C ALA A 285 -13.03 11.01 -6.02
N PRO A 286 -13.03 9.87 -5.28
CA PRO A 286 -13.58 9.88 -3.92
C PRO A 286 -13.03 11.04 -3.08
N LEU A 287 -11.72 11.24 -3.10
CA LEU A 287 -11.08 12.32 -2.36
C LEU A 287 -10.86 13.48 -3.33
N ARG A 288 -11.61 14.56 -3.10
CA ARG A 288 -11.54 15.73 -3.96
C ARG A 288 -10.46 16.66 -3.42
N GLN A 289 -9.24 16.49 -3.86
CA GLN A 289 -8.15 17.28 -3.33
C GLN A 289 -7.08 17.13 -4.37
N LYS A 290 -6.11 18.03 -4.38
CA LYS A 290 -5.07 18.05 -5.36
C LYS A 290 -4.11 16.92 -5.08
N LEU A 291 -3.89 16.10 -6.11
CA LEU A 291 -2.85 15.10 -6.01
C LEU A 291 -1.49 15.77 -6.18
N LEU A 292 -0.63 15.61 -5.19
CA LEU A 292 0.73 16.13 -5.25
C LEU A 292 1.75 15.03 -5.48
N SER A 293 2.88 15.39 -6.09
CA SER A 293 3.98 14.44 -6.27
C SER A 293 4.44 13.80 -4.95
N THR A 294 4.44 14.59 -3.89
CA THR A 294 4.75 14.08 -2.55
C THR A 294 3.72 13.08 -1.95
N ASP A 295 2.48 13.09 -2.48
CA ASP A 295 1.49 12.08 -2.09
C ASP A 295 2.00 10.70 -2.52
N ILE A 296 2.53 10.64 -3.75
CA ILE A 296 3.11 9.42 -4.29
C ILE A 296 4.46 9.16 -3.61
N GLY A 297 5.20 10.24 -3.34
CA GLY A 297 6.47 10.15 -2.66
C GLY A 297 6.41 9.45 -1.32
N SER A 298 5.39 9.77 -0.53
CA SER A 298 5.29 9.19 0.79
C SER A 298 4.94 7.70 0.70
N VAL A 299 4.17 7.32 -0.33
CA VAL A 299 3.89 5.90 -0.54
C VAL A 299 5.15 5.14 -1.02
N ALA A 300 5.89 5.77 -1.93
CA ALA A 300 7.11 5.23 -2.45
C ALA A 300 8.06 4.98 -1.28
N SER A 301 8.21 5.98 -0.44
CA SER A 301 9.02 5.87 0.78
C SER A 301 8.65 4.70 1.70
N PHE A 302 7.35 4.49 1.89
CA PHE A 302 6.89 3.37 2.72
C PHE A 302 7.29 2.06 2.07
N LEU A 303 6.94 1.91 0.78
CA LEU A 303 7.20 0.67 0.04
C LEU A 303 8.69 0.35 -0.06
N LEU A 304 9.54 1.37 0.08
CA LEU A 304 10.98 1.18 -0.05
C LEU A 304 11.63 0.92 1.31
N SER A 305 10.85 1.11 2.39
CA SER A 305 11.35 0.82 3.73
C SER A 305 11.03 -0.61 4.21
N ARG A 306 11.61 -1.00 5.35
CA ARG A 306 11.35 -2.30 5.96
C ARG A 306 9.90 -2.44 6.46
N GLU A 307 9.22 -1.30 6.62
CA GLU A 307 7.80 -1.28 7.03
C GLU A 307 6.86 -2.12 6.18
N SER A 308 7.20 -2.25 4.90
CA SER A 308 6.40 -2.99 3.96
C SER A 308 7.07 -4.33 3.61
N ARG A 309 7.79 -4.93 4.56
CA ARG A 309 8.50 -6.22 4.29
C ARG A 309 7.66 -7.40 3.77
N ALA A 310 6.34 -7.33 3.95
CA ALA A 310 5.45 -8.39 3.54
C ALA A 310 4.70 -8.13 2.21
N ILE A 311 5.03 -7.02 1.53
CA ILE A 311 4.40 -6.61 0.27
C ILE A 311 5.34 -6.71 -0.93
N THR A 312 4.95 -7.49 -1.91
CA THR A 312 5.78 -7.62 -3.12
C THR A 312 4.92 -8.04 -4.32
N GLY A 313 5.34 -7.59 -5.50
CA GLY A 313 4.71 -7.95 -6.77
C GLY A 313 3.41 -7.20 -7.00
N GLN A 314 3.17 -6.13 -6.24
CA GLN A 314 1.89 -5.45 -6.18
C GLN A 314 1.83 -4.14 -6.99
N THR A 315 0.62 -3.82 -7.44
CA THR A 315 0.35 -2.54 -8.09
C THR A 315 -0.50 -1.68 -7.17
N ILE A 316 0.17 -0.83 -6.38
CA ILE A 316 -0.53 0.02 -5.42
C ILE A 316 -1.07 1.28 -6.09
N TYR A 317 -2.33 1.58 -5.84
CA TYR A 317 -2.99 2.73 -6.45
C TYR A 317 -2.95 3.97 -5.57
N VAL A 318 -2.31 5.01 -6.07
CA VAL A 318 -2.26 6.30 -5.39
C VAL A 318 -2.86 7.37 -6.28
N ASP A 319 -4.19 7.40 -6.35
CA ASP A 319 -4.89 8.30 -7.26
C ASP A 319 -6.13 8.92 -6.61
N ASN A 320 -6.12 9.02 -5.28
CA ASN A 320 -7.26 9.58 -4.57
C ASN A 320 -8.49 8.69 -4.71
N GLY A 321 -8.29 7.47 -5.17
CA GLY A 321 -9.37 6.50 -5.30
C GLY A 321 -10.14 6.59 -6.60
N LEU A 322 -9.61 7.35 -7.56
CA LEU A 322 -10.29 7.50 -8.85
C LEU A 322 -10.58 6.14 -9.51
N ASN A 323 -9.66 5.18 -9.38
CA ASN A 323 -9.75 3.88 -10.08
C ASN A 323 -10.96 3.03 -9.70
N ILE A 324 -11.60 3.34 -8.57
CA ILE A 324 -12.71 2.53 -8.05
C ILE A 324 -14.07 2.89 -8.68
N MET A 325 -14.12 4.06 -9.30
CA MET A 325 -15.35 4.61 -9.90
C MET A 325 -15.72 3.92 -11.21
N PHE A 326 -16.99 3.58 -11.39
CA PHE A 326 -17.42 3.12 -12.71
C PHE A 326 -17.60 4.31 -13.62
N LEU A 327 -18.47 5.24 -13.25
CA LEU A 327 -18.70 6.40 -14.11
C LEU A 327 -18.99 7.68 -13.30
N PRO A 328 -18.92 8.85 -13.96
CA PRO A 328 -19.21 10.10 -13.25
C PRO A 328 -20.62 10.12 -12.62
N ASP A 329 -20.72 10.74 -11.43
CA ASP A 329 -21.90 10.65 -10.57
C ASP A 329 -22.82 11.88 -10.62
N ASN B 1 -0.08 14.54 16.95
CA ASN B 1 -0.76 15.29 18.00
C ASN B 1 -2.03 14.59 18.48
N GLU B 2 -1.87 13.71 19.46
CA GLU B 2 -3.00 12.99 20.04
C GLU B 2 -3.76 12.15 19.02
N ASP B 3 -3.18 11.00 18.67
CA ASP B 3 -3.83 10.07 17.74
C ASP B 3 -4.53 8.95 18.49
N ILE B 4 -5.82 8.79 18.25
CA ILE B 4 -6.62 7.78 18.93
C ILE B 4 -7.21 6.76 17.96
N CYS B 5 -6.94 5.49 18.20
CA CYS B 5 -7.41 4.42 17.31
C CYS B 5 -8.24 3.39 18.07
N PHE B 6 -9.37 3.01 17.48
CA PHE B 6 -10.24 2.01 18.08
C PHE B 6 -10.16 0.69 17.33
N ILE B 7 -9.50 -0.29 17.92
CA ILE B 7 -9.35 -1.60 17.31
C ILE B 7 -10.48 -2.54 17.68
N ALA B 8 -11.40 -2.77 16.74
CA ALA B 8 -12.53 -3.65 16.98
C ALA B 8 -12.20 -5.09 16.59
N GLY B 9 -11.99 -5.93 17.60
CA GLY B 9 -11.67 -7.33 17.38
C GLY B 9 -10.36 -7.73 18.02
N ILE B 10 -10.42 -8.06 19.31
CA ILE B 10 -9.23 -8.46 20.04
C ILE B 10 -9.60 -9.33 21.24
N GLY B 11 -9.22 -10.60 21.18
CA GLY B 11 -9.50 -11.54 22.25
C GLY B 11 -8.25 -12.06 22.91
N ASP B 12 -7.10 -11.75 22.33
CA ASP B 12 -5.81 -12.19 22.86
C ASP B 12 -4.68 -11.53 22.08
N THR B 13 -3.48 -12.06 22.24
CA THR B 13 -2.31 -11.52 21.55
C THR B 13 -1.75 -12.44 20.48
N ASN B 14 -2.64 -13.21 19.84
CA ASN B 14 -2.24 -14.13 18.79
C ASN B 14 -2.85 -13.78 17.44
N GLY B 15 -3.74 -12.79 17.44
CA GLY B 15 -4.39 -12.35 16.21
C GLY B 15 -3.74 -11.12 15.63
N TYR B 16 -4.30 -10.62 14.53
CA TYR B 16 -3.78 -9.43 13.87
C TYR B 16 -4.02 -8.18 14.71
N GLY B 17 -5.21 -8.10 15.31
CA GLY B 17 -5.55 -6.98 16.20
C GLY B 17 -4.40 -6.62 17.14
N TRP B 18 -3.74 -7.62 17.72
CA TRP B 18 -2.63 -7.39 18.63
C TRP B 18 -1.44 -6.79 17.87
N GLY B 19 -1.11 -7.41 16.75
CA GLY B 19 -0.01 -6.92 15.90
C GLY B 19 -0.20 -5.49 15.45
N ILE B 20 -1.44 -5.13 15.15
CA ILE B 20 -1.81 -3.77 14.72
C ILE B 20 -1.65 -2.82 15.91
N ALA B 21 -2.08 -3.27 17.09
CA ALA B 21 -1.96 -2.47 18.30
C ALA B 21 -0.49 -2.16 18.64
N LYS B 22 0.40 -3.14 18.47
CA LYS B 22 1.84 -2.94 18.79
C LYS B 22 2.49 -1.93 17.90
N GLU B 23 2.33 -2.13 16.60
CA GLU B 23 2.86 -1.19 15.60
C GLU B 23 2.31 0.20 15.75
N LEU B 24 1.02 0.33 16.07
CA LEU B 24 0.47 1.66 16.28
C LEU B 24 1.06 2.27 17.56
N SER B 25 1.23 1.43 18.58
CA SER B 25 1.85 1.89 19.81
C SER B 25 3.23 2.48 19.57
N LYS B 26 4.08 1.73 18.88
CA LYS B 26 5.37 2.22 18.39
C LYS B 26 5.30 3.61 17.77
N ARG B 27 4.17 3.98 17.14
CA ARG B 27 4.02 5.32 16.58
C ARG B 27 3.35 6.30 17.59
N ASN B 28 3.21 5.91 18.85
CA ASN B 28 2.57 6.79 19.88
C ASN B 28 1.10 7.10 19.71
N VAL B 29 0.39 6.21 19.04
CA VAL B 29 -1.05 6.27 18.89
C VAL B 29 -1.68 5.67 20.14
N LYS B 30 -2.67 6.39 20.66
CA LYS B 30 -3.41 5.91 21.81
C LYS B 30 -4.41 4.82 21.36
N ILE B 31 -4.32 3.65 22.01
CA ILE B 31 -5.07 2.43 21.65
C ILE B 31 -6.32 2.18 22.53
N ILE B 32 -7.49 2.02 21.91
CA ILE B 32 -8.67 1.59 22.61
C ILE B 32 -9.09 0.24 22.04
N PHE B 33 -9.27 -0.78 22.91
CA PHE B 33 -9.64 -2.11 22.47
C PHE B 33 -11.15 -2.27 22.58
N GLY B 34 -11.75 -2.83 21.55
CA GLY B 34 -13.15 -3.27 21.58
C GLY B 34 -13.16 -4.79 21.64
N ILE B 35 -13.73 -5.33 22.72
CA ILE B 35 -13.62 -6.76 23.03
C ILE B 35 -14.99 -7.45 23.09
N TRP B 36 -15.12 -8.55 22.35
CA TRP B 36 -16.37 -9.27 22.28
C TRP B 36 -16.70 -9.86 23.66
N PRO B 37 -17.95 -9.66 24.13
CA PRO B 37 -18.32 -10.08 25.50
C PRO B 37 -18.02 -11.55 25.87
N PRO B 38 -18.28 -12.50 24.95
CA PRO B 38 -17.91 -13.87 25.32
C PRO B 38 -16.47 -14.06 25.87
N VAL B 39 -15.49 -13.24 25.43
CA VAL B 39 -14.10 -13.35 25.88
C VAL B 39 -13.60 -12.14 26.71
N TYR B 40 -14.46 -11.14 26.92
CA TYR B 40 -14.08 -9.89 27.60
C TYR B 40 -13.45 -10.12 28.98
N ASN B 41 -14.13 -10.88 29.83
CA ASN B 41 -13.69 -11.08 31.21
C ASN B 41 -12.45 -11.94 31.30
N ILE B 42 -12.38 -12.95 30.45
CA ILE B 42 -11.17 -13.78 30.43
C ILE B 42 -9.97 -12.96 29.92
N PHE B 43 -10.26 -11.99 29.03
CA PHE B 43 -9.23 -11.06 28.55
C PHE B 43 -8.73 -10.13 29.66
N MET B 44 -9.64 -9.43 30.32
CA MET B 44 -9.30 -8.54 31.45
C MET B 44 -8.54 -9.26 32.56
N LYS B 45 -9.09 -10.39 33.04
CA LYS B 45 -8.39 -11.21 34.06
C LYS B 45 -6.96 -11.52 33.65
N ASN B 46 -6.77 -12.07 32.46
CA ASN B 46 -5.40 -12.30 31.95
C ASN B 46 -4.52 -11.05 32.01
N TYR B 47 -5.08 -9.91 31.62
CA TYR B 47 -4.34 -8.65 31.52
C TYR B 47 -3.89 -8.14 32.87
N LYS B 48 -4.88 -8.01 33.76
CA LYS B 48 -4.68 -7.76 35.18
C LYS B 48 -3.58 -8.65 35.82
N ASN B 49 -3.60 -9.95 35.57
CA ASN B 49 -2.59 -10.86 36.13
C ASN B 49 -1.27 -10.79 35.40
N GLY B 50 -1.10 -9.75 34.59
CA GLY B 50 0.13 -9.56 33.82
C GLY B 50 0.53 -10.67 32.85
N LYS B 51 -0.45 -11.45 32.39
CA LYS B 51 -0.21 -12.53 31.42
C LYS B 51 0.22 -12.02 30.03
N PHE B 52 -0.03 -10.75 29.72
CA PHE B 52 0.34 -10.19 28.42
C PHE B 52 1.58 -9.28 28.50
N ASP B 53 2.18 -9.21 29.68
CA ASP B 53 3.27 -8.27 29.90
C ASP B 53 4.41 -8.52 28.94
N ASN B 54 4.74 -9.78 28.69
CA ASN B 54 5.78 -10.10 27.72
C ASN B 54 5.36 -9.65 26.32
N ASP B 55 4.09 -9.82 26.00
CA ASP B 55 3.61 -9.46 24.67
C ASP B 55 3.48 -7.97 24.39
N MET B 56 3.54 -7.15 25.44
CA MET B 56 3.41 -5.72 25.27
C MET B 56 4.76 -5.03 25.07
N ILE B 57 5.83 -5.79 25.30
CA ILE B 57 7.22 -5.33 25.08
C ILE B 57 7.45 -4.92 23.62
N ILE B 58 7.94 -3.69 23.41
CA ILE B 58 8.40 -3.26 22.07
C ILE B 58 9.90 -2.86 22.05
N ASP B 59 10.74 -3.75 21.51
CA ASP B 59 12.19 -3.51 21.43
C ASP B 59 12.54 -3.44 22.92
N LYS B 60 13.36 -2.47 23.30
CA LYS B 60 13.62 -2.23 24.71
C LYS B 60 13.27 -0.84 25.19
N ASP B 61 12.99 -0.74 26.49
CA ASP B 61 12.62 0.53 27.11
C ASP B 61 11.44 1.18 26.41
N LYS B 62 10.60 0.35 25.80
CA LYS B 62 9.38 0.83 25.16
C LYS B 62 8.32 -0.27 25.18
N LYS B 63 7.27 -0.07 25.99
CA LYS B 63 6.16 -1.04 26.19
C LYS B 63 4.78 -0.46 25.80
N MET B 64 3.87 -1.29 25.31
CA MET B 64 2.60 -0.85 24.70
C MET B 64 1.75 0.05 25.59
N ASN B 65 0.95 0.94 25.01
CA ASN B 65 0.13 1.84 25.80
C ASN B 65 -1.36 1.82 25.42
N ILE B 66 -2.11 1.04 26.19
CA ILE B 66 -3.52 0.80 25.98
C ILE B 66 -4.38 1.81 26.74
N LEU B 67 -4.94 2.79 26.03
CA LEU B 67 -5.75 3.84 26.64
C LEU B 67 -7.02 3.33 27.31
N ASP B 68 -7.58 2.24 26.78
CA ASP B 68 -8.88 1.74 27.26
C ASP B 68 -9.25 0.38 26.65
N MET B 69 -10.08 -0.37 27.38
CA MET B 69 -10.60 -1.69 26.96
C MET B 69 -12.11 -1.76 27.19
N LEU B 70 -12.87 -1.88 26.11
CA LEU B 70 -14.32 -1.73 26.19
C LEU B 70 -15.00 -3.02 25.70
N PRO B 71 -16.14 -3.42 26.35
CA PRO B 71 -16.86 -4.56 25.79
C PRO B 71 -17.55 -4.12 24.51
N PHE B 72 -17.52 -4.97 23.48
CA PHE B 72 -17.99 -4.59 22.16
C PHE B 72 -18.55 -5.78 21.37
N ASP B 73 -19.78 -5.66 20.91
CA ASP B 73 -20.36 -6.68 20.06
C ASP B 73 -20.84 -6.10 18.74
N ALA B 74 -20.13 -6.41 17.66
CA ALA B 74 -20.44 -5.87 16.35
C ALA B 74 -21.70 -6.45 15.70
N SER B 75 -22.43 -7.35 16.40
CA SER B 75 -23.74 -7.88 16.01
C SER B 75 -24.87 -6.88 16.20
N PHE B 76 -24.66 -5.97 17.15
CA PHE B 76 -25.71 -5.08 17.56
C PHE B 76 -25.37 -3.67 17.19
N ASP B 77 -26.25 -3.02 16.43
CA ASP B 77 -26.00 -1.63 16.00
C ASP B 77 -26.30 -0.59 17.08
N THR B 78 -27.43 -0.76 17.77
CA THR B 78 -27.88 0.11 18.83
C THR B 78 -28.49 -0.74 19.94
N ALA B 79 -28.59 -0.16 21.13
CA ALA B 79 -29.20 -0.78 22.29
C ALA B 79 -30.55 -1.44 21.96
N ASN B 80 -31.26 -0.88 21.01
CA ASN B 80 -32.58 -1.39 20.63
C ASN B 80 -32.57 -2.69 19.83
N ASP B 81 -31.40 -3.07 19.35
CA ASP B 81 -31.23 -4.31 18.60
C ASP B 81 -30.96 -5.50 19.47
N ILE B 82 -30.50 -5.29 20.69
CA ILE B 82 -30.09 -6.40 21.53
C ILE B 82 -31.33 -7.19 21.95
N ASP B 83 -31.44 -8.43 21.48
CA ASP B 83 -32.57 -9.30 21.87
C ASP B 83 -32.55 -9.53 23.38
N GLU B 84 -33.74 -9.69 23.96
CA GLU B 84 -33.85 -9.93 25.40
C GLU B 84 -32.95 -11.09 25.93
N GLU B 85 -32.83 -12.19 25.15
CA GLU B 85 -32.07 -13.33 25.64
C GLU B 85 -30.61 -12.97 25.83
N THR B 86 -30.00 -12.30 24.85
CA THR B 86 -28.60 -11.88 24.98
C THR B 86 -28.41 -10.92 26.15
N LYS B 87 -29.33 -9.94 26.27
CA LYS B 87 -29.30 -8.94 27.33
C LYS B 87 -29.16 -9.56 28.71
N ASN B 88 -29.69 -10.77 28.88
CA ASN B 88 -29.58 -11.44 30.19
C ASN B 88 -28.75 -12.70 30.25
N ASN B 89 -28.03 -12.94 29.17
CA ASN B 89 -27.03 -13.98 29.12
C ASN B 89 -25.93 -13.77 30.20
N LYS B 90 -25.45 -14.89 30.77
CA LYS B 90 -24.45 -14.82 31.82
C LYS B 90 -23.31 -13.86 31.53
N ARG B 91 -22.81 -13.88 30.29
CA ARG B 91 -21.64 -13.11 29.93
C ARG B 91 -21.96 -11.67 29.52
N TYR B 92 -23.22 -11.42 29.16
CA TYR B 92 -23.64 -10.07 28.76
C TYR B 92 -24.30 -9.28 29.86
N ASN B 93 -24.88 -9.96 30.83
CA ASN B 93 -25.63 -9.28 31.87
C ASN B 93 -24.86 -8.23 32.68
N MET B 94 -23.58 -8.44 32.91
CA MET B 94 -22.78 -7.48 33.68
C MET B 94 -22.15 -6.34 32.88
N LEU B 95 -22.45 -6.28 31.58
CA LEU B 95 -21.80 -5.32 30.69
C LEU B 95 -22.84 -4.33 30.17
N GLN B 96 -22.38 -3.17 29.72
CA GLN B 96 -23.30 -2.22 29.09
C GLN B 96 -22.61 -1.39 28.05
N ASN B 97 -23.37 -0.61 27.26
CA ASN B 97 -22.80 0.22 26.19
C ASN B 97 -21.85 -0.54 25.27
N TYR B 98 -22.28 -1.72 24.84
CA TYR B 98 -21.46 -2.58 24.03
C TYR B 98 -21.92 -2.71 22.55
N THR B 99 -23.04 -2.08 22.18
CA THR B 99 -23.47 -2.00 20.80
C THR B 99 -22.57 -1.03 20.05
N ILE B 100 -22.57 -1.13 18.72
CA ILE B 100 -21.81 -0.20 17.88
C ILE B 100 -22.08 1.30 18.19
N GLU B 101 -23.33 1.70 18.30
CA GLU B 101 -23.64 3.06 18.59
C GLU B 101 -23.19 3.44 20.00
N ASP B 102 -23.37 2.55 20.98
CA ASP B 102 -23.10 2.90 22.38
C ASP B 102 -21.61 3.03 22.65
N VAL B 103 -20.80 2.20 21.99
CA VAL B 103 -19.33 2.33 22.07
C VAL B 103 -18.87 3.60 21.42
N ALA B 104 -19.49 3.96 20.30
CA ALA B 104 -19.15 5.20 19.61
C ALA B 104 -19.35 6.38 20.57
N ASN B 105 -20.53 6.47 21.18
CA ASN B 105 -20.84 7.49 22.20
C ASN B 105 -19.93 7.47 23.40
N LEU B 106 -19.78 6.30 24.01
CA LEU B 106 -18.87 6.13 25.13
C LEU B 106 -17.50 6.70 24.80
N ILE B 107 -16.95 6.31 23.65
CA ILE B 107 -15.64 6.79 23.24
C ILE B 107 -15.66 8.31 23.12
N HIS B 108 -16.68 8.84 22.47
CA HIS B 108 -16.74 10.25 22.25
C HIS B 108 -16.80 11.02 23.57
N GLN B 109 -17.73 10.64 24.43
CA GLN B 109 -17.86 11.26 25.75
C GLN B 109 -16.51 11.25 26.47
N LYS B 110 -15.83 10.11 26.49
CA LYS B 110 -14.61 9.97 27.28
C LYS B 110 -13.37 10.61 26.68
N TYR B 111 -13.22 10.61 25.36
CA TYR B 111 -11.98 11.11 24.80
C TYR B 111 -12.19 12.09 23.65
N GLY B 112 -13.43 12.47 23.37
CA GLY B 112 -13.68 13.26 22.15
C GLY B 112 -13.58 12.47 20.83
N LYS B 113 -13.24 13.17 19.76
CA LYS B 113 -13.18 12.55 18.47
C LYS B 113 -11.92 11.73 18.30
N ILE B 114 -12.04 10.66 17.52
CA ILE B 114 -10.85 9.85 17.17
C ILE B 114 -10.49 10.03 15.70
N ASN B 115 -9.36 9.49 15.28
CA ASN B 115 -8.98 9.65 13.89
C ASN B 115 -8.53 8.38 13.16
N MET B 116 -8.58 7.24 13.85
CA MET B 116 -8.19 5.96 13.26
C MET B 116 -9.13 4.88 13.79
N LEU B 117 -9.57 4.01 12.89
CA LEU B 117 -10.54 2.97 13.23
C LEU B 117 -10.16 1.68 12.53
N VAL B 118 -10.13 0.58 13.28
CA VAL B 118 -9.70 -0.70 12.73
C VAL B 118 -10.75 -1.79 12.88
N HIS B 119 -11.14 -2.38 11.75
CA HIS B 119 -12.07 -3.50 11.76
C HIS B 119 -11.30 -4.81 11.63
N SER B 120 -11.07 -5.46 12.77
CA SER B 120 -10.29 -6.69 12.80
C SER B 120 -11.08 -7.85 13.40
N LEU B 121 -12.30 -8.04 12.92
CA LEU B 121 -13.15 -9.11 13.43
C LEU B 121 -13.86 -9.87 12.31
N ALA B 122 -14.35 -11.06 12.63
CA ALA B 122 -15.05 -11.89 11.66
C ALA B 122 -15.65 -13.11 12.34
N ASN B 123 -16.78 -13.58 11.82
CA ASN B 123 -17.45 -14.74 12.38
C ASN B 123 -18.50 -15.36 11.44
N ALA B 124 -18.71 -16.66 11.64
CA ALA B 124 -19.56 -17.47 10.77
C ALA B 124 -19.85 -18.76 11.54
N LYS B 125 -21.09 -18.95 11.95
CA LYS B 125 -21.48 -20.19 12.63
C LYS B 125 -21.12 -21.49 11.88
N GLU B 126 -21.15 -21.47 10.56
CA GLU B 126 -20.99 -22.68 9.74
C GLU B 126 -19.72 -22.68 8.90
N VAL B 127 -18.67 -22.06 9.42
CA VAL B 127 -17.39 -21.91 8.72
C VAL B 127 -16.84 -23.29 8.33
N GLN B 128 -17.21 -24.30 9.10
CA GLN B 128 -16.71 -25.64 8.88
C GLN B 128 -17.39 -26.34 7.71
N LYS B 129 -18.49 -25.81 7.22
CA LYS B 129 -19.19 -26.45 6.12
C LYS B 129 -18.79 -25.78 4.83
N ASP B 130 -18.83 -26.48 3.70
CA ASP B 130 -18.57 -25.75 2.48
C ASP B 130 -19.77 -24.97 2.01
N LEU B 131 -19.51 -24.04 1.09
CA LEU B 131 -20.50 -23.10 0.63
C LEU B 131 -21.76 -23.85 0.29
N LEU B 132 -21.64 -24.89 -0.53
CA LEU B 132 -22.79 -25.72 -0.95
C LEU B 132 -23.65 -26.26 0.20
N ASN B 133 -23.01 -26.59 1.34
CA ASN B 133 -23.71 -27.12 2.54
C ASN B 133 -24.09 -26.08 3.58
N THR B 134 -23.81 -24.81 3.29
CA THR B 134 -24.11 -23.70 4.21
C THR B 134 -25.60 -23.38 4.15
N SER B 135 -26.24 -23.27 5.30
CA SER B 135 -27.66 -22.92 5.38
C SER B 135 -27.83 -21.43 5.16
N ARG B 136 -29.04 -21.01 4.81
CA ARG B 136 -29.36 -19.59 4.67
C ARG B 136 -28.99 -18.80 5.96
N LYS B 137 -29.38 -19.33 7.11
CA LYS B 137 -29.09 -18.67 8.40
C LYS B 137 -27.58 -18.53 8.57
N GLY B 138 -26.83 -19.62 8.33
CA GLY B 138 -25.38 -19.61 8.51
C GLY B 138 -24.68 -18.59 7.60
N TYR B 139 -25.13 -18.53 6.34
CA TYR B 139 -24.61 -17.60 5.32
C TYR B 139 -24.89 -16.19 5.77
N LEU B 140 -26.14 -15.93 6.17
CA LEU B 140 -26.53 -14.57 6.56
C LEU B 140 -25.78 -14.19 7.82
N ASP B 141 -25.51 -15.18 8.66
CA ASP B 141 -24.74 -14.96 9.87
C ASP B 141 -23.34 -14.44 9.58
N ALA B 142 -22.69 -15.03 8.58
CA ALA B 142 -21.34 -14.64 8.21
C ALA B 142 -21.29 -13.22 7.65
N LEU B 143 -22.25 -12.93 6.77
CA LEU B 143 -22.32 -11.60 6.15
C LEU B 143 -22.64 -10.53 7.19
N SER B 144 -23.52 -10.86 8.13
CA SER B 144 -23.95 -9.91 9.15
C SER B 144 -22.80 -9.49 10.07
N LYS B 145 -22.05 -10.48 10.55
CA LYS B 145 -20.99 -10.22 11.52
C LYS B 145 -19.66 -9.86 10.87
N SER B 146 -19.39 -10.43 9.70
CA SER B 146 -18.10 -10.23 9.03
C SER B 146 -18.11 -9.07 8.05
N SER B 147 -19.25 -8.85 7.40
CA SER B 147 -19.34 -7.83 6.36
C SER B 147 -20.06 -6.56 6.82
N TYR B 148 -21.34 -6.68 7.14
CA TYR B 148 -22.14 -5.52 7.52
C TYR B 148 -21.55 -4.76 8.71
N SER B 149 -20.97 -5.49 9.64
CA SER B 149 -20.37 -4.87 10.82
C SER B 149 -19.50 -3.69 10.41
N LEU B 150 -18.82 -3.83 9.27
CA LEU B 150 -17.97 -2.77 8.74
C LEU B 150 -18.81 -1.53 8.42
N ILE B 151 -19.86 -1.73 7.62
CA ILE B 151 -20.74 -0.64 7.23
C ILE B 151 -21.34 0.06 8.45
N SER B 152 -21.73 -0.73 9.45
CA SER B 152 -22.29 -0.17 10.68
C SER B 152 -21.23 0.60 11.45
N LEU B 153 -20.05 0.00 11.60
CA LEU B 153 -18.93 0.65 12.28
C LEU B 153 -18.73 2.04 11.70
N CYS B 154 -18.81 2.16 10.38
CA CYS B 154 -18.62 3.43 9.68
C CYS B 154 -19.78 4.38 9.95
N LYS B 155 -21.01 3.91 9.74
CA LYS B 155 -22.16 4.76 9.90
C LYS B 155 -22.12 5.52 11.25
N TYR B 156 -21.74 4.80 12.32
CA TYR B 156 -21.71 5.35 13.69
C TYR B 156 -20.41 6.03 14.12
N PHE B 157 -19.28 5.53 13.64
CA PHE B 157 -18.02 6.14 13.99
C PHE B 157 -17.67 7.43 13.21
N VAL B 158 -18.23 7.61 12.01
CA VAL B 158 -17.95 8.84 11.27
C VAL B 158 -18.37 10.09 12.02
N ASN B 159 -19.34 9.97 12.91
CA ASN B 159 -19.76 11.13 13.69
C ASN B 159 -18.76 11.51 14.76
N ILE B 160 -17.89 10.60 15.15
CA ILE B 160 -16.95 10.85 16.23
C ILE B 160 -15.52 10.90 15.71
N MET B 161 -15.40 11.11 14.39
CA MET B 161 -14.11 11.13 13.73
C MET B 161 -13.84 12.46 13.02
N LYS B 162 -12.59 12.90 13.05
CA LYS B 162 -12.19 14.14 12.39
C LYS B 162 -11.99 13.91 10.90
N PRO B 163 -12.17 14.97 10.07
CA PRO B 163 -11.88 14.85 8.63
C PRO B 163 -10.44 14.36 8.46
N GLN B 164 -10.14 13.69 7.34
CA GLN B 164 -8.82 13.08 7.08
C GLN B 164 -8.56 11.88 7.98
N SER B 165 -9.58 11.38 8.65
CA SER B 165 -9.45 10.09 9.33
C SER B 165 -9.38 8.88 8.38
N SER B 166 -8.87 7.79 8.92
CA SER B 166 -8.62 6.61 8.13
C SER B 166 -9.21 5.40 8.85
N ILE B 167 -9.76 4.48 8.04
CA ILE B 167 -10.43 3.26 8.48
C ILE B 167 -9.84 2.08 7.70
N ILE B 168 -9.35 1.04 8.38
CA ILE B 168 -8.95 -0.19 7.67
C ILE B 168 -9.70 -1.40 8.18
N SER B 169 -9.90 -2.40 7.33
CA SER B 169 -10.31 -3.73 7.74
C SER B 169 -9.35 -4.79 7.20
N LEU B 170 -9.64 -6.04 7.58
CA LEU B 170 -8.86 -7.18 7.15
C LEU B 170 -9.71 -8.19 6.33
N THR B 171 -9.13 -8.61 5.22
CA THR B 171 -9.78 -9.52 4.32
C THR B 171 -8.86 -10.71 3.98
N TYR B 172 -9.34 -11.59 3.10
CA TYR B 172 -8.59 -12.75 2.69
C TYR B 172 -8.89 -13.06 1.18
N HIS B 173 -7.84 -13.48 0.48
CA HIS B 173 -7.83 -13.80 -0.94
C HIS B 173 -8.90 -14.80 -1.39
N ALA B 174 -9.38 -15.67 -0.50
CA ALA B 174 -10.52 -16.58 -0.81
C ALA B 174 -11.73 -15.87 -1.40
N SER B 175 -11.77 -14.55 -1.28
CA SER B 175 -12.81 -13.75 -1.91
C SER B 175 -12.68 -13.76 -3.44
N GLN B 176 -11.43 -13.83 -3.90
CA GLN B 176 -11.13 -13.67 -5.32
C GLN B 176 -10.80 -15.01 -5.96
N LYS B 177 -10.11 -15.88 -5.23
CA LYS B 177 -9.74 -17.23 -5.74
C LYS B 177 -10.25 -18.30 -4.78
N VAL B 178 -10.47 -19.50 -5.27
CA VAL B 178 -11.11 -20.54 -4.48
C VAL B 178 -10.14 -21.14 -3.46
N VAL B 179 -10.55 -21.08 -2.20
CA VAL B 179 -9.79 -21.73 -1.13
C VAL B 179 -10.68 -22.76 -0.44
N PRO B 180 -10.55 -24.04 -0.80
CA PRO B 180 -11.39 -25.08 -0.16
C PRO B 180 -11.11 -25.03 1.31
N GLY B 181 -12.13 -25.17 2.16
CA GLY B 181 -11.87 -25.13 3.59
C GLY B 181 -12.32 -23.80 4.17
N TYR B 182 -12.29 -22.74 3.36
CA TYR B 182 -12.78 -21.44 3.82
C TYR B 182 -14.30 -21.35 3.62
N GLY B 183 -15.02 -22.06 4.47
CA GLY B 183 -16.46 -22.23 4.25
C GLY B 183 -17.37 -21.32 5.03
N GLY B 184 -18.62 -21.74 5.18
CA GLY B 184 -19.65 -20.98 5.88
C GLY B 184 -20.09 -19.70 5.23
N GLY B 185 -19.66 -19.44 3.99
CA GLY B 185 -19.90 -18.13 3.36
C GLY B 185 -18.92 -17.04 3.82
N MET B 186 -17.83 -17.45 4.48
CA MET B 186 -16.75 -16.51 4.77
C MET B 186 -16.14 -15.90 3.49
N SER B 187 -15.99 -16.72 2.45
CA SER B 187 -15.50 -16.24 1.17
C SER B 187 -16.48 -15.18 0.61
N SER B 188 -17.77 -15.51 0.70
CA SER B 188 -18.86 -14.60 0.33
C SER B 188 -18.72 -13.30 1.10
N ALA B 189 -18.59 -13.41 2.41
CA ALA B 189 -18.42 -12.23 3.26
C ALA B 189 -17.18 -11.34 2.93
N LYS B 190 -16.06 -11.98 2.61
CA LYS B 190 -14.89 -11.22 2.30
C LYS B 190 -15.08 -10.47 0.99
N ALA B 191 -15.69 -11.11 -0.02
CA ALA B 191 -15.97 -10.48 -1.30
C ALA B 191 -16.86 -9.22 -1.15
N ALA B 192 -17.89 -9.34 -0.30
CA ALA B 192 -18.79 -8.27 -0.01
C ALA B 192 -18.03 -7.12 0.64
N LEU B 193 -17.19 -7.49 1.63
CA LEU B 193 -16.41 -6.55 2.40
C LEU B 193 -15.44 -5.76 1.49
N GLU B 194 -14.83 -6.45 0.51
CA GLU B 194 -13.91 -5.79 -0.38
C GLU B 194 -14.67 -4.87 -1.35
N SER B 195 -15.86 -5.30 -1.76
CA SER B 195 -16.70 -4.47 -2.59
C SER B 195 -17.28 -3.29 -1.75
N ASP B 196 -17.65 -3.56 -0.50
CA ASP B 196 -18.19 -2.50 0.35
C ASP B 196 -17.15 -1.45 0.62
N THR B 197 -15.89 -1.87 0.68
CA THR B 197 -14.78 -0.95 0.90
C THR B 197 -14.71 0.13 -0.19
N ARG B 198 -14.96 -0.25 -1.44
CA ARG B 198 -15.00 0.71 -2.54
C ARG B 198 -16.16 1.70 -2.46
N VAL B 199 -17.36 1.18 -2.17
CA VAL B 199 -18.59 1.98 -2.10
C VAL B 199 -18.51 2.95 -0.92
N LEU B 200 -18.05 2.46 0.23
CA LEU B 200 -17.81 3.28 1.40
C LEU B 200 -16.77 4.37 1.14
N ALA B 201 -15.76 4.07 0.29
CA ALA B 201 -14.63 5.00 0.04
C ALA B 201 -15.17 6.18 -0.70
N TYR B 202 -16.13 5.91 -1.59
CA TYR B 202 -16.85 6.94 -2.32
C TYR B 202 -17.62 7.85 -1.38
N HIS B 203 -18.56 7.30 -0.60
CA HIS B 203 -19.38 8.11 0.31
C HIS B 203 -18.54 8.83 1.40
N LEU B 204 -17.61 8.11 2.01
CA LEU B 204 -16.82 8.69 3.09
C LEU B 204 -15.83 9.74 2.58
N GLY B 205 -15.29 9.52 1.40
CA GLY B 205 -14.35 10.46 0.79
C GLY B 205 -15.05 11.76 0.42
N ARG B 206 -16.20 11.65 -0.23
CA ARG B 206 -16.95 12.83 -0.66
C ARG B 206 -17.57 13.61 0.51
N ASN B 207 -18.35 12.92 1.34
CA ASN B 207 -19.03 13.56 2.45
C ASN B 207 -18.20 13.95 3.66
N TYR B 208 -17.13 13.22 3.99
CA TYR B 208 -16.40 13.43 5.22
C TYR B 208 -14.90 13.54 5.03
N ASN B 209 -14.42 13.26 3.82
CA ASN B 209 -12.98 13.35 3.57
C ASN B 209 -12.24 12.35 4.50
N ILE B 210 -12.82 11.15 4.56
CA ILE B 210 -12.30 10.05 5.35
C ILE B 210 -11.96 8.92 4.43
N ARG B 211 -10.84 8.26 4.70
CA ARG B 211 -10.35 7.16 3.87
C ARG B 211 -10.72 5.79 4.46
N ILE B 212 -10.93 4.81 3.59
CA ILE B 212 -11.16 3.44 4.00
C ILE B 212 -10.50 2.50 2.98
N ASN B 213 -9.76 1.53 3.50
CA ASN B 213 -9.05 0.53 2.73
C ASN B 213 -9.16 -0.82 3.44
N THR B 214 -8.73 -1.89 2.77
CA THR B 214 -8.71 -3.18 3.45
C THR B 214 -7.40 -3.91 3.17
N ILE B 215 -6.87 -4.59 4.19
CA ILE B 215 -5.67 -5.37 4.02
C ILE B 215 -6.05 -6.81 3.82
N SER B 216 -5.63 -7.42 2.72
CA SER B 216 -5.81 -8.86 2.49
C SER B 216 -4.58 -9.57 3.02
N ALA B 217 -4.70 -10.09 4.24
CA ALA B 217 -3.54 -10.62 4.95
C ALA B 217 -3.30 -12.08 4.56
N GLY B 218 -2.03 -12.51 4.64
CA GLY B 218 -1.68 -13.93 4.49
C GLY B 218 -2.07 -14.69 5.77
N PRO B 219 -1.78 -16.01 5.82
CA PRO B 219 -2.17 -16.89 6.93
C PRO B 219 -1.42 -16.62 8.25
N LEU B 220 -2.15 -16.50 9.36
CA LEU B 220 -1.58 -16.36 10.68
C LEU B 220 -2.33 -17.30 11.65
N LYS B 221 -1.57 -17.97 12.51
CA LYS B 221 -2.18 -18.92 13.40
C LYS B 221 -2.82 -18.26 14.64
N SER B 222 -3.95 -17.62 14.40
CA SER B 222 -4.68 -16.92 15.43
C SER B 222 -5.71 -17.87 16.06
N ARG B 223 -6.42 -17.42 17.12
CA ARG B 223 -7.40 -18.30 17.77
C ARG B 223 -8.45 -18.76 16.75
N ALA B 224 -9.07 -17.80 16.06
CA ALA B 224 -10.11 -18.04 15.04
C ALA B 224 -9.64 -18.90 13.85
N ALA B 225 -8.41 -18.69 13.39
CA ALA B 225 -7.84 -19.55 12.34
C ALA B 225 -7.93 -21.07 12.69
N THR B 226 -7.88 -21.38 13.98
CA THR B 226 -7.92 -22.75 14.46
C THR B 226 -9.34 -23.32 14.48
N ALA B 227 -10.31 -22.49 14.80
CA ALA B 227 -11.73 -22.79 14.63
C ALA B 227 -12.18 -23.33 13.26
N ILE B 228 -11.32 -23.22 12.25
CA ILE B 228 -11.62 -23.70 10.90
C ILE B 228 -11.20 -25.17 10.79
N ASN B 229 -11.25 -25.87 11.92
CA ASN B 229 -10.80 -27.25 11.97
C ASN B 229 -9.27 -27.32 12.06
N THR B 272 -4.34 -29.44 10.00
CA THR B 272 -5.49 -28.52 9.99
C THR B 272 -5.33 -27.44 8.92
N PHE B 273 -6.47 -26.83 8.56
CA PHE B 273 -6.53 -25.79 7.55
C PHE B 273 -5.40 -24.74 7.62
N ILE B 274 -5.25 -24.10 8.78
CA ILE B 274 -4.29 -23.01 8.96
C ILE B 274 -2.82 -23.51 8.86
N ASP B 275 -2.55 -24.71 9.38
CA ASP B 275 -1.22 -25.27 9.29
C ASP B 275 -0.82 -25.51 7.84
N TYR B 276 -1.73 -26.08 7.07
CA TYR B 276 -1.55 -26.23 5.64
C TYR B 276 -1.33 -24.88 4.92
N MET B 277 -2.22 -23.92 5.16
CA MET B 277 -2.07 -22.57 4.60
C MET B 277 -0.68 -21.97 4.88
N ILE B 278 -0.24 -22.07 6.16
CA ILE B 278 1.03 -21.51 6.57
C ILE B 278 2.18 -22.23 5.86
N GLU B 279 2.15 -23.55 5.87
CA GLU B 279 3.22 -24.32 5.25
C GLU B 279 3.29 -23.98 3.75
N TYR B 280 2.15 -23.94 3.09
CA TYR B 280 2.09 -23.62 1.69
C TYR B 280 2.66 -22.24 1.38
N SER B 281 2.27 -21.27 2.17
CA SER B 281 2.68 -19.89 1.98
C SER B 281 4.20 -19.73 2.20
N GLU B 282 4.70 -20.41 3.22
CA GLU B 282 6.13 -20.34 3.56
C GLU B 282 6.97 -21.04 2.54
N LYS B 283 6.39 -22.01 1.85
CA LYS B 283 7.10 -22.71 0.82
C LYS B 283 7.03 -22.10 -0.60
N TYR B 284 5.90 -21.49 -0.96
CA TYR B 284 5.71 -21.03 -2.33
C TYR B 284 5.64 -19.52 -2.57
N ALA B 285 5.60 -18.74 -1.50
CA ALA B 285 5.51 -17.28 -1.64
C ALA B 285 6.82 -16.78 -2.17
N PRO B 286 6.79 -15.69 -2.97
CA PRO B 286 8.00 -15.01 -3.40
C PRO B 286 8.96 -14.83 -2.22
N LEU B 287 8.46 -14.35 -1.10
CA LEU B 287 9.27 -14.15 0.09
C LEU B 287 9.01 -15.28 1.05
N ARG B 288 9.98 -16.17 1.16
CA ARG B 288 9.85 -17.32 2.05
C ARG B 288 10.35 -16.93 3.44
N GLN B 289 9.47 -16.39 4.25
CA GLN B 289 9.79 -15.94 5.59
C GLN B 289 8.49 -16.07 6.36
N LYS B 290 8.58 -16.13 7.68
CA LYS B 290 7.39 -16.30 8.47
C LYS B 290 6.64 -14.99 8.47
N LEU B 291 5.35 -15.05 8.16
CA LEU B 291 4.50 -13.85 8.21
C LEU B 291 4.06 -13.61 9.63
N LEU B 292 4.47 -12.46 10.17
CA LEU B 292 4.15 -12.00 11.53
C LEU B 292 2.96 -11.05 11.59
N SER B 293 2.21 -11.08 12.69
CA SER B 293 1.10 -10.13 12.87
C SER B 293 1.58 -8.69 12.79
N THR B 294 2.81 -8.43 13.22
CA THR B 294 3.37 -7.09 13.12
C THR B 294 3.76 -6.71 11.67
N ASP B 295 3.84 -7.68 10.77
CA ASP B 295 4.08 -7.35 9.37
C ASP B 295 2.82 -6.64 8.86
N ILE B 296 1.66 -7.10 9.35
CA ILE B 296 0.39 -6.50 8.98
C ILE B 296 0.22 -5.17 9.73
N GLY B 297 0.63 -5.18 11.00
CA GLY B 297 0.60 -4.02 11.84
C GLY B 297 1.26 -2.81 11.22
N SER B 298 2.42 -3.01 10.64
CA SER B 298 3.13 -1.86 10.13
C SER B 298 2.51 -1.32 8.85
N VAL B 299 1.90 -2.19 8.05
CA VAL B 299 1.10 -1.72 6.90
C VAL B 299 -0.20 -0.96 7.33
N ALA B 300 -0.90 -1.51 8.32
CA ALA B 300 -2.11 -0.91 8.90
C ALA B 300 -1.77 0.48 9.37
N SER B 301 -0.63 0.56 10.03
CA SER B 301 -0.13 1.76 10.65
C SER B 301 0.11 2.84 9.59
N PHE B 302 0.75 2.45 8.49
CA PHE B 302 0.98 3.34 7.38
C PHE B 302 -0.36 3.87 6.80
N LEU B 303 -1.29 2.93 6.60
CA LEU B 303 -2.58 3.19 5.95
C LEU B 303 -3.44 4.12 6.80
N LEU B 304 -3.25 4.03 8.12
CA LEU B 304 -4.03 4.84 9.05
C LEU B 304 -3.44 6.23 9.26
N SER B 305 -2.17 6.39 8.88
CA SER B 305 -1.48 7.65 9.00
C SER B 305 -1.71 8.50 7.77
N ARG B 306 -1.32 9.76 7.89
CA ARG B 306 -1.49 10.71 6.81
C ARG B 306 -0.60 10.44 5.63
N GLU B 307 0.32 9.48 5.78
N GLU B 307 0.31 9.48 5.75
CA GLU B 307 1.28 9.13 4.72
CA GLU B 307 1.26 9.21 4.68
C GLU B 307 0.56 8.57 3.49
C GLU B 307 0.63 8.45 3.50
N SER B 308 -0.57 7.91 3.72
CA SER B 308 -1.35 7.25 2.69
C SER B 308 -2.56 8.10 2.28
N ARG B 309 -2.48 9.42 2.47
CA ARG B 309 -3.62 10.31 2.19
C ARG B 309 -4.29 10.22 0.79
N ALA B 310 -3.54 9.75 -0.21
CA ALA B 310 -4.08 9.58 -1.56
C ALA B 310 -4.53 8.16 -1.94
N ILE B 311 -4.56 7.26 -0.95
CA ILE B 311 -5.04 5.89 -1.12
C ILE B 311 -6.37 5.65 -0.42
N THR B 312 -7.38 5.26 -1.16
CA THR B 312 -8.67 4.94 -0.57
C THR B 312 -9.38 3.93 -1.46
N GLY B 313 -10.22 3.11 -0.82
CA GLY B 313 -11.01 2.09 -1.51
C GLY B 313 -10.29 0.84 -1.98
N GLN B 314 -9.03 0.66 -1.56
CA GLN B 314 -8.17 -0.39 -2.08
C GLN B 314 -8.10 -1.61 -1.19
N THR B 315 -7.84 -2.75 -1.82
CA THR B 315 -7.49 -3.99 -1.16
C THR B 315 -5.99 -4.07 -1.27
N ILE B 316 -5.27 -3.91 -0.16
CA ILE B 316 -3.81 -4.03 -0.19
C ILE B 316 -3.35 -5.39 0.31
N TYR B 317 -2.55 -6.08 -0.48
CA TYR B 317 -2.12 -7.45 -0.14
C TYR B 317 -0.88 -7.46 0.73
N VAL B 318 -1.00 -8.07 1.90
CA VAL B 318 0.17 -8.20 2.80
C VAL B 318 0.31 -9.68 3.11
N ASP B 319 1.00 -10.37 2.22
CA ASP B 319 0.95 -11.83 2.19
C ASP B 319 2.23 -12.45 1.60
N ASN B 320 3.33 -11.70 1.68
CA ASN B 320 4.63 -12.15 1.14
C ASN B 320 4.64 -12.42 -0.38
N GLY B 321 3.70 -11.79 -1.08
CA GLY B 321 3.48 -11.94 -2.52
C GLY B 321 2.81 -13.22 -3.01
N LEU B 322 2.31 -14.05 -2.09
CA LEU B 322 1.71 -15.34 -2.50
C LEU B 322 0.62 -15.16 -3.58
N ASN B 323 -0.16 -14.09 -3.47
CA ASN B 323 -1.31 -13.87 -4.33
C ASN B 323 -1.00 -13.81 -5.84
N ILE B 324 0.24 -13.48 -6.16
CA ILE B 324 0.70 -13.26 -7.52
C ILE B 324 1.08 -14.55 -8.22
N MET B 325 1.14 -15.63 -7.44
CA MET B 325 1.50 -16.94 -7.95
C MET B 325 0.31 -17.65 -8.60
N PHE B 326 0.56 -18.41 -9.65
CA PHE B 326 -0.46 -19.23 -10.27
C PHE B 326 -0.37 -20.65 -9.74
N LEU B 327 0.77 -21.31 -9.91
CA LEU B 327 0.98 -22.70 -9.46
C LEU B 327 2.20 -22.82 -8.55
N PRO B 328 2.26 -23.88 -7.74
CA PRO B 328 3.52 -24.16 -7.06
C PRO B 328 4.64 -24.49 -8.06
N ASP B 329 5.88 -24.41 -7.61
CA ASP B 329 7.04 -24.78 -8.44
C ASP B 329 7.81 -25.95 -7.83
PA NAD C . 8.62 13.37 -15.86
O1A NAD C . 8.89 13.86 -17.27
O2A NAD C . 8.92 14.28 -14.69
O5B NAD C . 9.43 11.98 -15.70
C5B NAD C . 9.84 11.26 -16.85
C4B NAD C . 11.36 11.25 -16.93
O4B NAD C . 11.86 10.13 -17.66
C3B NAD C . 11.87 12.48 -17.66
O3B NAD C . 12.58 13.32 -16.74
C2B NAD C . 12.82 11.98 -18.73
O2B NAD C . 14.05 12.74 -18.71
C1B NAD C . 13.05 10.52 -18.35
N9A NAD C . 13.33 9.71 -19.57
C8A NAD C . 12.67 9.74 -20.73
N7A NAD C . 13.25 8.86 -21.58
C5A NAD C . 14.30 8.29 -20.94
C6A NAD C . 15.32 7.28 -21.31
N6A NAD C . 15.33 6.70 -22.54
N1A NAD C . 16.23 6.95 -20.38
C2A NAD C . 16.22 7.52 -19.16
N3A NAD C . 15.30 8.43 -18.83
C4A NAD C . 14.35 8.83 -19.68
O3 NAD C . 7.06 12.94 -15.80
PN NAD C . 6.49 11.97 -14.66
O1N NAD C . 4.98 11.92 -14.77
O2N NAD C . 7.17 12.32 -13.36
O5D NAD C . 7.04 10.52 -15.10
C5D NAD C . 7.55 9.61 -14.13
C4D NAD C . 6.80 8.27 -14.14
O4D NAD C . 5.51 8.37 -13.53
C3D NAD C . 6.58 7.76 -15.56
O3D NAD C . 6.96 6.38 -15.64
C2D NAD C . 5.09 7.87 -15.77
O2D NAD C . 4.66 6.80 -16.63
C1D NAD C . 4.53 7.74 -14.37
N1N NAD C . 3.19 8.33 -14.21
C2N NAD C . 2.97 9.63 -14.42
C3N NAD C . 1.70 10.18 -14.28
C7N NAD C . 1.47 11.63 -14.52
O7N NAD C . 0.33 12.05 -14.60
N7N NAD C . 2.53 12.44 -14.65
C4N NAD C . 0.52 9.33 -13.88
C5N NAD C . 0.90 7.94 -13.68
C6N NAD C . 2.21 7.50 -13.86
C1 TCL D . 0.27 9.05 -17.30
C2 TCL D . -0.23 10.34 -17.27
C6 TCL D . 1.62 8.83 -17.56
C5 TCL D . 2.47 9.91 -17.79
C4 TCL D . 1.97 11.21 -17.78
C3 TCL D . 0.62 11.43 -17.51
C11 TCL D . 5.10 9.33 -21.93
C10 TCL D . 6.04 9.47 -20.94
C9 TCL D . 5.60 9.59 -19.63
C8 TCL D . 4.23 9.56 -19.34
C12 TCL D . 3.73 9.29 -21.66
C13 TCL D . 3.29 9.40 -20.37
O7 TCL D . 3.80 9.67 -18.04
CL14 TCL D . -1.96 10.55 -16.92
CL15 TCL D . 5.65 9.19 -23.61
CL16 TCL D . 6.84 9.79 -18.36
O17 TCL D . 2.07 7.55 -17.57
PA NAD E . -8.71 -13.45 15.94
O1A NAD E . -8.46 -14.62 16.87
O2A NAD E . -7.94 -12.17 16.15
O5B NAD E . -10.29 -13.10 15.99
C5B NAD E . -10.78 -11.82 15.61
C4B NAD E . -11.44 -11.16 16.83
O4B NAD E . -12.73 -10.66 16.49
C3B NAD E . -11.63 -12.17 17.95
O3B NAD E . -10.92 -11.76 19.11
C2B NAD E . -13.11 -12.17 18.27
O2B NAD E . -13.26 -12.11 19.69
C1B NAD E . -13.61 -10.89 17.61
N9A NAD E . -15.06 -10.98 17.28
C8A NAD E . -15.71 -12.04 16.78
N7A NAD E . -17.02 -11.74 16.64
C5A NAD E . -17.18 -10.47 17.06
C6A NAD E . -18.35 -9.55 17.16
N6A NAD E . -19.58 -9.94 16.78
N1A NAD E . -18.13 -8.31 17.65
C2A NAD E . -16.89 -7.94 18.01
N3A NAD E . -15.83 -8.76 17.93
C4A NAD E . -15.95 -10.00 17.46
O3 NAD E . -8.47 -13.95 14.42
PN NAD E . -7.68 -13.06 13.33
O1N NAD E . -7.00 -13.98 12.34
O2N NAD E . -6.88 -11.99 14.03
O5D NAD E . -8.87 -12.32 12.53
C5D NAD E . -8.91 -10.89 12.46
C4D NAD E . -9.29 -10.45 11.05
O4D NAD E . -8.24 -10.74 10.12
C3D NAD E . -10.52 -11.20 10.55
O3D NAD E . -11.37 -10.25 9.90
C2D NAD E . -9.98 -12.17 9.53
O2D NAD E . -10.94 -12.43 8.50
C1D NAD E . -8.76 -11.44 8.99
N1N NAD E . -7.79 -12.35 8.40
C2N NAD E . -7.13 -13.24 9.15
C3N NAD E . -6.20 -14.12 8.59
C7N NAD E . -5.47 -15.10 9.44
O7N NAD E . -4.88 -16.01 8.88
N7N NAD E . -5.48 -14.96 10.77
C4N NAD E . -5.90 -14.09 7.11
C5N NAD E . -6.69 -13.08 6.41
C6N NAD E . -7.59 -12.26 7.07
C1 TCL F . -8.35 -16.21 6.86
C2 TCL F . -7.50 -17.20 7.35
C6 TCL F . -9.25 -15.58 7.72
C5 TCL F . -9.29 -15.94 9.06
C4 TCL F . -8.44 -16.93 9.54
C3 TCL F . -7.54 -17.55 8.70
C11 TCL F . -13.87 -17.04 10.66
C10 TCL F . -13.42 -15.98 11.44
C9 TCL F . -12.18 -15.40 11.17
C8 TCL F . -11.39 -15.89 10.15
C12 TCL F . -13.08 -17.53 9.63
C13 TCL F . -11.84 -16.95 9.37
O7 TCL F . -10.17 -15.31 9.89
CL14 TCL F . -6.34 -18.01 6.24
CL15 TCL F . -15.46 -17.78 11.00
CL16 TCL F . -11.61 -14.03 12.18
O17 TCL F . -10.08 -14.62 7.24
#